data_7OHJ
#
_entry.id   7OHJ
#
_entity_poly.entity_id   1
_entity_poly.type   'polydeoxyribonucleotide'
_entity_poly.pdbx_seq_one_letter_code
;(DC)(DG)(DA)(DC)(DG)(DT)(DC)(DG)
;
_entity_poly.pdbx_strand_id   A,B
#